data_9LUK
#
_entry.id   9LUK
#
_cell.length_a   95.841
_cell.length_b   65.909
_cell.length_c   69.557
_cell.angle_alpha   90.00
_cell.angle_beta   90.00
_cell.angle_gamma   90.00
#
_symmetry.space_group_name_H-M   'P 21 21 2'
#
loop_
_entity.id
_entity.type
_entity.pdbx_description
1 polymer 'Heavy chain fragment (Fd) of anti-osteocalcin antibody KTM219 with N-terminal HiBiT'
2 polymer 'Light chain of anti-osteocalcin antibody KTM219'
3 non-polymer GLYCEROL
4 water water
#
loop_
_entity_poly.entity_id
_entity_poly.type
_entity_poly.pdbx_seq_one_letter_code
_entity_poly.pdbx_strand_id
1 'polypeptide(L)'
;MSVSGWRLFKKISGGGSTGQVKLQQSGAEFVKAGASVKLSCKTSGYTFNNYWIHWVKQSPGQGLEWIGEIDPSDGYSNYN
QKFKGKATLTVDKSSSTAYMHLNSLTSEDSAVYYCTSSTSVGGSWGQGTTVTVSSASTKGPSVFPLAPSSKSTSGGTAAL
GCLVKDYFPEPVTVSWNSGALTSGVHTFPAVLQSSGLYSLSSVVTVPSSSLGTQTYICNVNHKPSNTKVDKKVEPKSASA
GGGSWSHPQFEKSAAHHHHHHGAAEQKLISEEDLNGAA
;
H
2 'polypeptide(L)'
;MSDIELTQSPLSLPVSLGDQASISCTSSQSLLHSNGDTYLHWYLQKPGQSPKLLIYTLSNRFSGVPDRFSGSGSGTDFTL
KISRVEAADLGIYFCSQTTHVPYTFGGGTKLEIKRADAAPSVFIFPPSDEQLKSGTASVVCLLNNFYPREAKVQWKVDNA
LQSGNSQESVTEQDSKDSTYSLSSTLTLSKADYEKHKVYACEVTHQGLSSPVTKSFNRGEGGGSWSHPQFEK
;
L
#
loop_
_chem_comp.id
_chem_comp.type
_chem_comp.name
_chem_comp.formula
GOL non-polymer GLYCEROL 'C3 H8 O3'
#
# COMPACT_ATOMS: atom_id res chain seq x y z
N GLN A 20 -22.54 -2.64 20.55
CA GLN A 20 -21.40 -2.27 19.74
C GLN A 20 -20.79 -3.45 19.02
N VAL A 21 -21.11 -3.66 17.74
CA VAL A 21 -20.50 -4.75 17.01
C VAL A 21 -18.98 -4.56 16.89
N LYS A 22 -18.24 -5.56 17.35
CA LYS A 22 -16.77 -5.56 17.26
C LYS A 22 -16.29 -6.85 16.64
N LEU A 23 -15.46 -6.74 15.58
CA LEU A 23 -14.80 -7.88 14.93
C LEU A 23 -13.29 -7.76 15.14
N GLN A 24 -12.72 -8.67 15.95
CA GLN A 24 -11.33 -8.56 16.37
C GLN A 24 -10.47 -9.70 15.79
N GLN A 25 -9.65 -9.39 14.79
CA GLN A 25 -8.92 -10.41 14.06
C GLN A 25 -7.58 -10.78 14.70
N SER A 26 -7.09 -11.97 14.41
CA SER A 26 -5.81 -12.46 14.95
C SER A 26 -4.62 -11.73 14.31
N GLY A 27 -3.44 -11.91 14.92
CA GLY A 27 -2.24 -11.18 14.53
C GLY A 27 -1.53 -11.69 13.30
N ALA A 28 -0.56 -10.92 12.82
CA ALA A 28 0.19 -11.21 11.58
C ALA A 28 0.76 -12.62 11.59
N GLU A 29 0.82 -13.26 10.40
CA GLU A 29 1.33 -14.62 10.26
C GLU A 29 2.55 -14.59 9.35
N PHE A 30 3.58 -15.32 9.74
CA PHE A 30 4.78 -15.50 8.90
C PHE A 30 5.07 -16.99 8.78
N VAL A 31 4.83 -17.54 7.59
CA VAL A 31 4.93 -18.98 7.36
C VAL A 31 5.63 -19.32 6.05
N LYS A 32 6.03 -20.58 5.93
CA LYS A 32 6.79 -21.04 4.77
C LYS A 32 5.84 -21.57 3.71
N ALA A 33 6.28 -21.54 2.45
CA ALA A 33 5.49 -22.14 1.37
C ALA A 33 5.22 -23.60 1.70
N GLY A 34 4.01 -24.05 1.41
CA GLY A 34 3.55 -25.38 1.79
C GLY A 34 2.87 -25.49 3.13
N ALA A 35 3.17 -24.59 4.06
CA ALA A 35 2.51 -24.60 5.38
C ALA A 35 1.03 -24.21 5.29
N SER A 36 0.36 -24.32 6.43
CA SER A 36 -1.01 -23.86 6.60
C SER A 36 -1.12 -22.82 7.72
N VAL A 37 -2.21 -22.02 7.70
CA VAL A 37 -2.50 -21.08 8.80
C VAL A 37 -3.98 -21.09 9.09
N LYS A 38 -4.32 -20.81 10.34
CA LYS A 38 -5.69 -20.66 10.76
C LYS A 38 -5.85 -19.24 11.33
N LEU A 39 -6.54 -18.38 10.58
CA LEU A 39 -6.85 -17.03 11.01
C LEU A 39 -8.16 -17.06 11.78
N SER A 40 -8.30 -16.14 12.73
CA SER A 40 -9.49 -16.09 13.54
C SER A 40 -10.00 -14.67 13.69
N CYS A 41 -11.27 -14.58 14.05
CA CYS A 41 -11.99 -13.33 14.12
C CYS A 41 -13.04 -13.43 15.22
N LYS A 42 -12.68 -12.89 16.38
CA LYS A 42 -13.54 -12.87 17.55
C LYS A 42 -14.59 -11.78 17.41
N THR A 43 -15.86 -12.14 17.55
CA THR A 43 -16.95 -11.18 17.41
C THR A 43 -17.66 -10.96 18.75
N SER A 44 -18.34 -9.82 18.84
CA SER A 44 -19.15 -9.46 19.98
C SER A 44 -20.14 -8.33 19.62
N GLY A 45 -21.10 -8.10 20.51
CA GLY A 45 -22.08 -7.01 20.36
C GLY A 45 -23.26 -7.32 19.45
N TYR A 46 -23.39 -8.58 19.01
CA TYR A 46 -24.57 -9.04 18.31
C TYR A 46 -24.74 -10.53 18.54
N THR A 47 -25.91 -11.04 18.18
CA THR A 47 -26.23 -12.46 18.33
C THR A 47 -25.53 -13.26 17.22
N PHE A 48 -24.41 -13.87 17.60
CA PHE A 48 -23.47 -14.54 16.67
C PHE A 48 -24.15 -15.51 15.70
N ASN A 49 -25.12 -16.24 16.22
CA ASN A 49 -25.75 -17.32 15.48
C ASN A 49 -26.72 -16.90 14.36
N ASN A 50 -27.11 -15.63 14.35
CA ASN A 50 -28.15 -15.13 13.44
C ASN A 50 -27.66 -14.41 12.18
N TYR A 51 -26.36 -14.34 11.96
CA TYR A 51 -25.81 -13.59 10.82
C TYR A 51 -24.58 -14.22 10.22
N TRP A 52 -24.47 -14.11 8.91
CA TRP A 52 -23.45 -14.80 8.15
C TRP A 52 -22.13 -14.07 8.28
N ILE A 53 -21.03 -14.81 8.15
CA ILE A 53 -19.69 -14.24 8.22
C ILE A 53 -19.08 -14.45 6.87
N HIS A 54 -18.38 -13.43 6.36
CA HIS A 54 -17.64 -13.52 5.13
C HIS A 54 -16.17 -13.29 5.38
N TRP A 55 -15.35 -13.85 4.50
CA TRP A 55 -13.93 -13.51 4.41
C TRP A 55 -13.57 -12.92 3.03
N VAL A 56 -12.70 -11.91 3.04
CA VAL A 56 -12.25 -11.21 1.88
C VAL A 56 -10.73 -11.14 1.88
N LYS A 57 -10.14 -11.34 0.71
CA LYS A 57 -8.70 -11.18 0.47
C LYS A 57 -8.39 -9.86 -0.22
N GLN A 58 -7.32 -9.19 0.19
CA GLN A 58 -6.82 -7.99 -0.50
C GLN A 58 -5.34 -8.16 -0.80
N SER A 59 -5.00 -8.14 -2.09
CA SER A 59 -3.61 -8.34 -2.51
C SER A 59 -3.28 -7.33 -3.58
N PRO A 60 -1.99 -6.99 -3.73
CA PRO A 60 -1.65 -6.05 -4.79
C PRO A 60 -2.01 -6.59 -6.17
N GLY A 61 -1.79 -7.89 -6.35
CA GLY A 61 -2.00 -8.56 -7.62
C GLY A 61 -3.45 -8.68 -8.08
N GLN A 62 -4.37 -8.85 -7.14
CA GLN A 62 -5.78 -9.13 -7.48
C GLN A 62 -6.82 -8.20 -6.86
N GLY A 63 -6.41 -7.20 -6.07
CA GLY A 63 -7.35 -6.28 -5.42
C GLY A 63 -8.17 -7.02 -4.38
N LEU A 64 -9.45 -6.64 -4.24
CA LEU A 64 -10.33 -7.23 -3.25
C LEU A 64 -11.02 -8.43 -3.87
N GLU A 65 -10.99 -9.56 -3.18
CA GLU A 65 -11.65 -10.76 -3.65
C GLU A 65 -12.44 -11.37 -2.52
N TRP A 66 -13.69 -11.72 -2.81
CA TRP A 66 -14.49 -12.41 -1.87
C TRP A 66 -14.13 -13.91 -1.87
N ILE A 67 -13.92 -14.46 -0.69
CA ILE A 67 -13.47 -15.83 -0.52
C ILE A 67 -14.64 -16.79 -0.33
N GLY A 68 -15.53 -16.43 0.57
CA GLY A 68 -16.64 -17.28 0.93
C GLY A 68 -17.40 -16.74 2.10
N GLU A 69 -18.50 -17.43 2.40
CA GLU A 69 -19.41 -17.07 3.47
C GLU A 69 -19.78 -18.32 4.28
N ILE A 70 -20.10 -18.13 5.56
CA ILE A 70 -20.55 -19.22 6.40
C ILE A 70 -21.74 -18.75 7.24
N ASP A 71 -22.73 -19.63 7.34
CA ASP A 71 -23.87 -19.44 8.24
C ASP A 71 -23.55 -20.16 9.57
N PRO A 72 -23.25 -19.41 10.64
CA PRO A 72 -23.00 -20.07 11.94
C PRO A 72 -24.14 -20.96 12.48
N SER A 73 -25.40 -20.65 12.14
CA SER A 73 -26.56 -21.41 12.67
C SER A 73 -26.52 -22.91 12.38
N ASP A 74 -26.25 -23.26 11.12
CA ASP A 74 -26.14 -24.67 10.71
C ASP A 74 -24.79 -25.01 10.10
N GLY A 75 -23.85 -24.07 10.14
CA GLY A 75 -22.52 -24.26 9.54
C GLY A 75 -22.45 -24.38 8.03
N TYR A 76 -23.54 -24.04 7.34
CA TYR A 76 -23.59 -24.08 5.90
C TYR A 76 -22.59 -23.06 5.35
N SER A 77 -21.82 -23.47 4.35
CA SER A 77 -20.84 -22.56 3.75
C SER A 77 -20.90 -22.57 2.23
N ASN A 78 -20.40 -21.49 1.65
CA ASN A 78 -20.51 -21.24 0.23
C ASN A 78 -19.28 -20.46 -0.18
N TYR A 79 -18.57 -20.98 -1.18
CA TYR A 79 -17.29 -20.47 -1.58
C TYR A 79 -17.25 -19.84 -2.98
N ASN A 80 -16.28 -18.95 -3.16
CA ASN A 80 -15.79 -18.54 -4.45
C ASN A 80 -15.00 -19.72 -4.96
N GLN A 81 -15.44 -20.25 -6.09
CA GLN A 81 -14.78 -21.39 -6.71
C GLN A 81 -13.27 -21.22 -6.82
N LYS A 82 -12.79 -19.98 -6.97
CA LYS A 82 -11.36 -19.69 -6.95
C LYS A 82 -10.64 -20.10 -5.64
N PHE A 83 -11.37 -20.21 -4.54
CA PHE A 83 -10.75 -20.54 -3.23
C PHE A 83 -11.21 -21.85 -2.58
N LYS A 84 -12.19 -22.54 -3.17
CA LYS A 84 -12.62 -23.89 -2.69
C LYS A 84 -11.39 -24.82 -2.45
N GLY A 85 -11.33 -25.45 -1.28
CA GLY A 85 -10.17 -26.28 -0.93
C GLY A 85 -8.82 -25.57 -0.70
N LYS A 86 -8.75 -24.26 -0.96
CA LYS A 86 -7.69 -23.42 -0.43
C LYS A 86 -8.07 -22.96 0.98
N ALA A 87 -9.31 -22.50 1.09
CA ALA A 87 -9.83 -21.86 2.29
C ALA A 87 -10.96 -22.68 2.86
N THR A 88 -11.00 -22.81 4.18
CA THR A 88 -12.02 -23.49 4.88
C THR A 88 -12.57 -22.60 5.98
N LEU A 89 -13.87 -22.39 5.99
CA LEU A 89 -14.52 -21.58 7.01
C LEU A 89 -15.17 -22.44 8.05
N THR A 90 -14.92 -22.07 9.32
CA THR A 90 -15.60 -22.66 10.48
C THR A 90 -15.91 -21.59 11.50
N VAL A 91 -16.77 -21.94 12.47
CA VAL A 91 -17.05 -21.10 13.64
C VAL A 91 -16.90 -21.90 14.96
N ASP A 92 -16.64 -21.18 16.04
CA ASP A 92 -16.69 -21.71 17.41
C ASP A 92 -17.71 -20.85 18.13
N LYS A 93 -18.90 -21.41 18.31
CA LYS A 93 -20.00 -20.70 18.90
C LYS A 93 -19.84 -20.32 20.39
N SER A 94 -19.12 -21.11 21.19
CA SER A 94 -18.89 -20.76 22.58
C SER A 94 -18.17 -19.42 22.70
N SER A 95 -17.18 -19.18 21.83
CA SER A 95 -16.41 -17.93 21.85
C SER A 95 -16.92 -16.86 20.86
N SER A 96 -17.92 -17.20 20.05
CA SER A 96 -18.38 -16.34 18.92
C SER A 96 -17.23 -15.92 17.99
N THR A 97 -16.41 -16.89 17.64
CA THR A 97 -15.22 -16.69 16.84
C THR A 97 -15.43 -17.39 15.52
N ALA A 98 -15.01 -16.69 14.45
CA ALA A 98 -14.99 -17.26 13.11
C ALA A 98 -13.55 -17.54 12.79
N TYR A 99 -13.32 -18.58 12.00
CA TYR A 99 -12.00 -18.97 11.56
C TYR A 99 -11.95 -19.19 10.08
N MET A 100 -10.76 -19.02 9.55
CA MET A 100 -10.49 -19.39 8.21
C MET A 100 -9.15 -20.10 8.17
N HIS A 101 -9.17 -21.34 7.69
CA HIS A 101 -7.97 -22.11 7.51
C HIS A 101 -7.54 -21.97 6.08
N LEU A 102 -6.25 -21.66 5.87
CA LEU A 102 -5.66 -21.61 4.54
C LEU A 102 -4.58 -22.69 4.45
N ASN A 103 -4.62 -23.52 3.41
CA ASN A 103 -3.65 -24.61 3.24
C ASN A 103 -2.80 -24.51 1.98
N SER A 104 -1.74 -25.28 1.97
CA SER A 104 -0.80 -25.32 0.87
C SER A 104 -0.45 -23.91 0.40
N LEU A 105 0.08 -23.10 1.29
CA LEU A 105 0.42 -21.74 0.96
C LEU A 105 1.52 -21.48 -0.03
N THR A 106 1.32 -20.48 -0.88
CA THR A 106 2.29 -20.05 -1.89
C THR A 106 2.44 -18.54 -1.76
N SER A 107 3.41 -17.94 -2.45
CA SER A 107 3.60 -16.50 -2.35
C SER A 107 2.35 -15.74 -2.84
N GLU A 108 1.54 -16.38 -3.70
CA GLU A 108 0.23 -15.86 -4.12
C GLU A 108 -0.78 -15.68 -2.99
N ASP A 109 -0.60 -16.36 -1.86
CA ASP A 109 -1.48 -16.22 -0.72
C ASP A 109 -1.05 -15.11 0.23
N SER A 110 0.12 -14.51 0.02
CA SER A 110 0.62 -13.42 0.84
C SER A 110 -0.32 -12.24 0.59
N ALA A 111 -1.10 -11.88 1.59
CA ALA A 111 -2.14 -10.87 1.43
C ALA A 111 -2.68 -10.44 2.78
N VAL A 112 -3.58 -9.47 2.78
CA VAL A 112 -4.37 -9.14 3.97
C VAL A 112 -5.70 -9.85 3.82
N TYR A 113 -6.15 -10.48 4.91
CA TYR A 113 -7.41 -11.18 4.95
C TYR A 113 -8.32 -10.53 5.94
N TYR A 114 -9.50 -10.16 5.48
CA TYR A 114 -10.54 -9.57 6.33
C TYR A 114 -11.67 -10.53 6.61
N CYS A 115 -12.26 -10.37 7.79
CA CYS A 115 -13.44 -11.06 8.17
C CYS A 115 -14.50 -9.97 8.30
N THR A 116 -15.72 -10.25 7.84
CA THR A 116 -16.79 -9.26 7.82
C THR A 116 -18.12 -9.84 8.32
N SER A 117 -18.90 -8.96 8.92
CA SER A 117 -20.23 -9.22 9.38
C SER A 117 -21.25 -8.86 8.30
N SER A 118 -22.51 -9.18 8.57
CA SER A 118 -23.62 -8.80 7.68
C SER A 118 -23.92 -7.31 7.76
N THR A 119 -24.36 -6.73 6.62
CA THR A 119 -24.84 -5.32 6.56
C THR A 119 -25.89 -5.10 7.64
N SER A 120 -26.70 -6.14 7.91
CA SER A 120 -27.75 -6.16 8.95
C SER A 120 -27.26 -5.82 10.36
N VAL A 121 -26.07 -6.30 10.72
CA VAL A 121 -25.42 -5.89 11.98
C VAL A 121 -24.44 -4.71 11.79
N GLY A 122 -24.57 -4.01 10.67
CA GLY A 122 -23.66 -2.93 10.31
C GLY A 122 -22.64 -3.18 9.20
N GLY A 123 -22.45 -4.44 8.82
CA GLY A 123 -21.49 -4.82 7.78
C GLY A 123 -20.10 -4.27 8.01
N SER A 124 -19.69 -4.21 9.28
CA SER A 124 -18.33 -3.77 9.61
C SER A 124 -17.35 -4.91 9.33
N TRP A 125 -16.11 -4.52 9.13
CA TRP A 125 -15.06 -5.39 8.74
C TRP A 125 -14.08 -5.44 9.90
N GLY A 126 -13.40 -6.55 10.05
CA GLY A 126 -12.32 -6.64 11.02
C GLY A 126 -11.15 -5.82 10.52
N GLN A 127 -10.10 -5.80 11.31
CA GLN A 127 -8.95 -4.96 11.04
C GLN A 127 -8.12 -5.49 9.91
N GLY A 128 -8.27 -6.77 9.61
CA GLY A 128 -7.43 -7.46 8.65
C GLY A 128 -6.30 -8.19 9.35
N THR A 129 -5.93 -9.34 8.81
CA THR A 129 -4.76 -10.08 9.23
C THR A 129 -3.81 -10.25 8.05
N THR A 130 -2.58 -9.83 8.19
CA THR A 130 -1.58 -10.00 7.15
C THR A 130 -0.95 -11.38 7.25
N VAL A 131 -0.87 -12.05 6.09
CA VAL A 131 -0.21 -13.35 5.98
C VAL A 131 0.93 -13.12 5.01
N THR A 132 2.17 -13.41 5.46
CA THR A 132 3.36 -13.33 4.63
C THR A 132 3.92 -14.75 4.43
N VAL A 133 3.88 -15.23 3.19
CA VAL A 133 4.43 -16.56 2.83
C VAL A 133 5.84 -16.38 2.28
N SER A 134 6.82 -16.95 3.00
CA SER A 134 8.23 -16.77 2.64
C SER A 134 9.11 -17.89 3.20
N SER A 135 10.14 -18.24 2.43
CA SER A 135 11.19 -19.16 2.85
C SER A 135 12.19 -18.50 3.83
N ALA A 136 12.28 -17.17 3.78
CA ALA A 136 13.30 -16.40 4.53
C ALA A 136 13.25 -16.58 6.05
N SER A 137 14.39 -16.43 6.71
CA SER A 137 14.46 -16.35 8.16
C SER A 137 14.72 -14.92 8.60
N THR A 138 14.51 -14.71 9.89
CA THR A 138 14.68 -13.41 10.50
C THR A 138 16.09 -12.94 10.29
N LYS A 139 16.23 -11.69 9.86
CA LYS A 139 17.52 -11.10 9.63
C LYS A 139 17.41 -9.62 9.80
N GLY A 140 18.31 -9.05 10.61
CA GLY A 140 18.42 -7.61 10.76
C GLY A 140 19.03 -6.98 9.52
N PRO A 141 18.77 -5.68 9.28
CA PRO A 141 19.31 -4.98 8.13
C PRO A 141 20.77 -4.53 8.29
N SER A 142 21.45 -4.30 7.17
CA SER A 142 22.60 -3.42 7.14
C SER A 142 22.11 -2.01 6.85
N VAL A 143 22.77 -1.02 7.45
CA VAL A 143 22.40 0.39 7.29
C VAL A 143 23.54 1.15 6.60
N PHE A 144 23.26 1.68 5.42
CA PHE A 144 24.27 2.40 4.66
C PHE A 144 23.83 3.87 4.51
N PRO A 145 24.78 4.80 4.55
CA PRO A 145 24.42 6.19 4.37
C PRO A 145 24.14 6.53 2.94
N LEU A 146 23.31 7.55 2.76
CA LEU A 146 23.14 8.18 1.49
C LEU A 146 23.66 9.60 1.69
N ALA A 147 24.97 9.78 1.49
CA ALA A 147 25.59 11.06 1.81
C ALA A 147 25.14 12.19 0.90
N PRO A 148 25.05 13.41 1.45
CA PRO A 148 24.84 14.55 0.58
C PRO A 148 26.10 14.92 -0.21
N SER A 149 25.89 15.43 -1.42
CA SER A 149 26.96 15.96 -2.26
C SER A 149 26.37 17.05 -3.13
N SER A 150 27.14 17.53 -4.12
CA SER A 150 26.61 18.39 -5.20
C SER A 150 25.50 17.69 -5.97
N LYS A 151 25.68 16.36 -6.16
CA LYS A 151 24.69 15.48 -6.82
C LYS A 151 23.34 15.37 -6.09
N SER A 152 23.38 15.69 -4.78
CA SER A 152 22.19 15.78 -3.93
C SER A 152 21.81 17.22 -3.50
N THR A 153 22.26 18.25 -4.22
CA THR A 153 22.04 19.67 -3.85
C THR A 153 21.40 20.46 -5.00
N SER A 154 20.09 20.70 -4.91
CA SER A 154 19.36 21.55 -5.87
C SER A 154 19.32 22.97 -5.29
N GLY A 155 20.34 23.76 -5.65
CA GLY A 155 20.49 25.16 -5.20
C GLY A 155 20.86 25.31 -3.73
N GLY A 156 19.83 25.60 -2.91
CA GLY A 156 20.00 25.82 -1.47
C GLY A 156 19.52 24.70 -0.56
N THR A 157 18.99 23.62 -1.16
CA THR A 157 18.52 22.46 -0.41
C THR A 157 19.32 21.22 -0.79
N ALA A 158 19.72 20.44 0.23
CA ALA A 158 20.44 19.17 0.09
C ALA A 158 19.60 18.00 0.62
N ALA A 159 19.70 16.86 -0.06
CA ALA A 159 19.06 15.63 0.37
C ALA A 159 20.12 14.65 0.89
N LEU A 160 19.77 13.93 1.94
CA LEU A 160 20.59 12.85 2.47
C LEU A 160 19.67 11.77 3.03
N GLY A 161 20.20 10.62 3.37
CA GLY A 161 19.35 9.55 3.84
C GLY A 161 20.10 8.34 4.30
N CYS A 162 19.34 7.29 4.61
CA CYS A 162 19.88 5.98 4.96
C CYS A 162 19.22 4.92 4.10
N LEU A 163 20.03 3.99 3.59
CA LEU A 163 19.54 2.80 2.89
C LEU A 163 19.54 1.68 3.91
N VAL A 164 18.36 1.15 4.20
CA VAL A 164 18.20 0.08 5.19
C VAL A 164 17.91 -1.22 4.42
N LYS A 165 18.92 -2.10 4.33
CA LYS A 165 18.94 -3.17 3.32
C LYS A 165 18.99 -4.57 3.93
N ASP A 166 18.32 -5.50 3.26
CA ASP A 166 18.44 -6.95 3.51
C ASP A 166 17.99 -7.43 4.88
N TYR A 167 16.75 -7.06 5.24
CA TYR A 167 16.12 -7.49 6.48
C TYR A 167 14.86 -8.33 6.21
N PHE A 168 14.51 -9.15 7.20
CA PHE A 168 13.27 -9.91 7.18
C PHE A 168 12.81 -10.18 8.60
N PRO A 169 11.50 -10.07 8.91
CA PRO A 169 10.45 -9.56 8.02
C PRO A 169 10.31 -8.04 8.16
N GLU A 170 9.25 -7.48 7.59
CA GLU A 170 8.84 -6.11 7.94
C GLU A 170 8.33 -6.07 9.38
N PRO A 171 8.35 -4.92 10.06
CA PRO A 171 8.83 -3.66 9.56
C PRO A 171 10.16 -3.26 10.18
N VAL A 172 10.72 -2.17 9.65
CA VAL A 172 11.79 -1.43 10.31
C VAL A 172 11.25 -0.06 10.56
N THR A 173 11.74 0.54 11.63
CA THR A 173 11.44 1.93 11.88
C THR A 173 12.71 2.79 11.67
N VAL A 174 12.51 4.03 11.25
CA VAL A 174 13.57 4.97 11.09
C VAL A 174 13.11 6.32 11.62
N SER A 175 13.84 6.87 12.59
CA SER A 175 13.74 8.30 12.87
C SER A 175 15.08 9.00 12.53
N TRP A 176 15.06 10.33 12.61
CA TRP A 176 16.18 11.18 12.31
C TRP A 176 16.47 12.09 13.51
N ASN A 177 17.72 12.06 13.96
CA ASN A 177 18.18 12.87 15.11
C ASN A 177 17.32 12.60 16.33
N SER A 178 17.05 11.32 16.56
CA SER A 178 16.35 10.83 17.74
C SER A 178 14.94 11.46 17.92
N GLY A 179 14.17 11.46 16.85
CA GLY A 179 12.84 12.09 16.83
C GLY A 179 12.82 13.59 16.61
N ALA A 180 13.96 14.26 16.80
CA ALA A 180 14.03 15.71 16.73
C ALA A 180 13.89 16.29 15.35
N LEU A 181 14.21 15.52 14.31
CA LEU A 181 14.09 15.96 12.91
C LEU A 181 12.97 15.18 12.22
N THR A 182 11.98 15.92 11.73
CA THR A 182 10.77 15.35 11.09
C THR A 182 10.32 16.10 9.84
N SER A 183 10.61 17.41 9.77
CA SER A 183 10.32 18.19 8.60
C SER A 183 11.16 17.75 7.40
N GLY A 184 10.50 17.45 6.27
CA GLY A 184 11.15 16.97 5.07
C GLY A 184 11.60 15.50 5.07
N VAL A 185 11.31 14.75 6.13
CA VAL A 185 11.59 13.30 6.16
C VAL A 185 10.61 12.52 5.26
N HIS A 186 11.14 11.67 4.37
CA HIS A 186 10.33 10.68 3.66
C HIS A 186 10.90 9.31 3.89
N THR A 187 10.17 8.48 4.62
CA THR A 187 10.47 7.05 4.79
C THR A 187 9.59 6.21 3.85
N PHE A 188 10.21 5.68 2.81
CA PHE A 188 9.48 5.03 1.73
C PHE A 188 9.00 3.65 2.12
N PRO A 189 7.91 3.17 1.49
CA PRO A 189 7.58 1.76 1.66
C PRO A 189 8.74 0.85 1.27
N ALA A 190 8.92 -0.23 2.02
CA ALA A 190 9.89 -1.23 1.73
C ALA A 190 9.56 -1.88 0.40
N VAL A 191 10.60 -2.34 -0.31
CA VAL A 191 10.40 -3.24 -1.46
C VAL A 191 10.89 -4.64 -1.12
N LEU A 192 10.24 -5.64 -1.69
CA LEU A 192 10.66 -7.03 -1.55
C LEU A 192 11.62 -7.36 -2.68
N GLN A 193 12.87 -7.64 -2.33
CA GLN A 193 13.90 -7.97 -3.34
C GLN A 193 13.77 -9.42 -3.76
N SER A 194 14.27 -9.73 -4.96
CA SER A 194 14.22 -11.10 -5.46
C SER A 194 14.91 -12.12 -4.55
N SER A 195 15.84 -11.68 -3.72
CA SER A 195 16.41 -12.50 -2.64
C SER A 195 15.45 -12.90 -1.51
N GLY A 196 14.25 -12.32 -1.45
CA GLY A 196 13.33 -12.59 -0.35
C GLY A 196 13.51 -11.69 0.87
N LEU A 197 14.44 -10.75 0.79
CA LEU A 197 14.69 -9.82 1.85
C LEU A 197 14.17 -8.42 1.44
N TYR A 198 13.79 -7.62 2.42
CA TYR A 198 13.33 -6.28 2.17
C TYR A 198 14.47 -5.26 2.11
N SER A 199 14.17 -4.14 1.47
CA SER A 199 15.06 -3.00 1.42
C SER A 199 14.22 -1.73 1.44
N LEU A 200 14.69 -0.72 2.16
CA LEU A 200 13.99 0.56 2.29
C LEU A 200 14.97 1.73 2.39
N SER A 201 14.58 2.87 1.84
CA SER A 201 15.28 4.11 2.04
C SER A 201 14.47 5.09 2.92
N SER A 202 15.18 5.86 3.73
CA SER A 202 14.59 7.01 4.42
C SER A 202 15.44 8.17 4.05
N VAL A 203 14.84 9.25 3.58
CA VAL A 203 15.58 10.45 3.18
C VAL A 203 15.06 11.68 3.92
N VAL A 204 15.87 12.73 3.93
CA VAL A 204 15.49 14.04 4.41
C VAL A 204 16.20 15.14 3.60
N THR A 205 15.44 16.21 3.33
CA THR A 205 15.98 17.45 2.75
C THR A 205 16.22 18.46 3.86
N VAL A 206 17.37 19.14 3.79
CA VAL A 206 17.80 20.09 4.82
C VAL A 206 18.39 21.35 4.14
N PRO A 207 18.52 22.47 4.90
CA PRO A 207 19.25 23.60 4.35
C PRO A 207 20.68 23.20 3.98
N SER A 208 21.08 23.52 2.75
CA SER A 208 22.44 23.21 2.26
C SER A 208 23.55 23.71 3.21
N SER A 209 23.35 24.91 3.77
CA SER A 209 24.31 25.55 4.66
C SER A 209 24.50 24.87 6.03
N SER A 210 23.57 24.00 6.41
CA SER A 210 23.66 23.26 7.67
C SER A 210 24.67 22.09 7.68
N LEU A 211 25.18 21.70 6.52
CA LEU A 211 25.98 20.45 6.40
C LEU A 211 27.38 20.53 7.05
N GLY A 212 27.65 19.60 7.98
CA GLY A 212 28.90 19.62 8.78
C GLY A 212 28.84 20.47 10.07
N THR A 213 27.95 21.47 10.09
CA THR A 213 27.57 22.21 11.30
C THR A 213 26.55 21.41 12.13
N GLN A 214 25.50 20.95 11.46
CA GLN A 214 24.49 20.07 12.06
C GLN A 214 24.83 18.61 11.76
N THR A 215 24.88 17.76 12.78
CA THR A 215 25.01 16.31 12.54
C THR A 215 23.62 15.70 12.23
N TYR A 216 23.64 14.69 11.36
CA TYR A 216 22.41 13.96 10.97
C TYR A 216 22.62 12.47 11.22
N ILE A 217 21.73 11.90 12.03
CA ILE A 217 21.78 10.51 12.44
C ILE A 217 20.40 9.87 12.15
N CYS A 218 20.41 8.75 11.41
CA CYS A 218 19.21 7.93 11.24
C CYS A 218 19.20 6.82 12.30
N ASN A 219 18.11 6.77 13.07
CA ASN A 219 17.92 5.80 14.11
C ASN A 219 17.07 4.69 13.54
N VAL A 220 17.68 3.53 13.30
CA VAL A 220 17.04 2.43 12.63
C VAL A 220 16.72 1.41 13.70
N ASN A 221 15.52 0.83 13.64
CA ASN A 221 15.14 -0.23 14.56
C ASN A 221 14.38 -1.34 13.82
N HIS A 222 14.85 -2.58 14.02
CA HIS A 222 14.24 -3.78 13.47
C HIS A 222 13.97 -4.78 14.60
N LYS A 223 12.79 -4.65 15.18
CA LYS A 223 12.43 -5.34 16.42
C LYS A 223 12.37 -6.84 16.28
N PRO A 224 11.96 -7.35 15.12
CA PRO A 224 11.95 -8.80 14.97
C PRO A 224 13.29 -9.50 15.15
N SER A 225 14.39 -8.82 14.84
CA SER A 225 15.73 -9.34 15.08
C SER A 225 16.49 -8.66 16.22
N ASN A 226 15.83 -7.73 16.92
CA ASN A 226 16.45 -6.93 18.01
C ASN A 226 17.64 -6.09 17.53
N THR A 227 17.56 -5.59 16.30
CA THR A 227 18.65 -4.82 15.68
C THR A 227 18.34 -3.34 15.76
N LYS A 228 19.03 -2.62 16.64
CA LYS A 228 18.98 -1.14 16.68
C LYS A 228 20.32 -0.57 16.22
N VAL A 229 20.26 0.42 15.34
CA VAL A 229 21.46 1.05 14.78
C VAL A 229 21.22 2.53 14.67
N ASP A 230 22.19 3.31 15.14
CA ASP A 230 22.21 4.73 14.90
C ASP A 230 23.36 4.97 13.94
N LYS A 231 23.05 5.55 12.79
CA LYS A 231 24.02 5.73 11.73
C LYS A 231 24.17 7.20 11.43
N LYS A 232 25.39 7.74 11.57
CA LYS A 232 25.65 9.12 11.20
C LYS A 232 25.82 9.22 9.69
N VAL A 233 25.33 10.32 9.13
CA VAL A 233 25.32 10.55 7.72
C VAL A 233 25.94 11.92 7.51
N GLU A 234 27.06 11.95 6.82
CA GLU A 234 27.77 13.19 6.55
C GLU A 234 28.33 13.24 5.14
N PRO A 235 28.70 14.45 4.64
CA PRO A 235 29.44 14.54 3.37
C PRO A 235 30.87 14.03 3.51
N SER B 2 -19.32 -16.65 -16.40
CA SER B 2 -18.18 -16.27 -15.52
C SER B 2 -18.61 -15.17 -14.52
N ASP B 3 -17.64 -14.62 -13.80
CA ASP B 3 -17.93 -13.78 -12.67
C ASP B 3 -18.19 -12.35 -13.10
N ILE B 4 -19.06 -11.70 -12.35
CA ILE B 4 -19.45 -10.33 -12.62
C ILE B 4 -18.28 -9.37 -12.41
N GLU B 5 -18.06 -8.56 -13.41
CA GLU B 5 -16.96 -7.62 -13.45
C GLU B 5 -17.55 -6.23 -13.17
N LEU B 6 -16.98 -5.56 -12.18
CA LEU B 6 -17.30 -4.19 -11.84
C LEU B 6 -16.15 -3.29 -12.26
N THR B 7 -16.46 -2.30 -13.09
CA THR B 7 -15.46 -1.41 -13.67
C THR B 7 -15.70 0.01 -13.12
N GLN B 8 -14.70 0.55 -12.44
CA GLN B 8 -14.80 1.86 -11.83
C GLN B 8 -14.13 2.92 -12.66
N SER B 9 -14.67 4.13 -12.59
CA SER B 9 -14.16 5.26 -13.37
C SER B 9 -14.33 6.53 -12.56
N PRO B 10 -13.32 7.43 -12.51
CA PRO B 10 -11.97 7.21 -13.05
C PRO B 10 -11.16 6.34 -12.12
N LEU B 11 -9.93 6.02 -12.50
CA LEU B 11 -9.00 5.33 -11.63
C LEU B 11 -8.51 6.20 -10.46
N SER B 12 -8.33 7.47 -10.76
CA SER B 12 -7.82 8.48 -9.85
C SER B 12 -8.62 9.76 -10.05
N LEU B 13 -9.11 10.35 -8.96
CA LEU B 13 -9.93 11.56 -9.02
C LEU B 13 -9.34 12.66 -8.15
N PRO B 14 -8.61 13.61 -8.77
CA PRO B 14 -8.13 14.76 -8.01
C PRO B 14 -9.25 15.78 -7.71
N VAL B 15 -9.43 16.10 -6.45
CA VAL B 15 -10.34 17.18 -6.05
C VAL B 15 -9.68 18.17 -5.10
N SER B 16 -10.29 19.36 -4.95
CA SER B 16 -9.91 20.31 -3.90
C SER B 16 -10.90 20.19 -2.78
N LEU B 17 -10.43 20.32 -1.54
CA LEU B 17 -11.31 20.29 -0.37
C LEU B 17 -12.49 21.24 -0.55
N GLY B 18 -13.72 20.74 -0.37
CA GLY B 18 -14.95 21.49 -0.61
C GLY B 18 -15.59 21.30 -1.98
N ASP B 19 -14.88 20.69 -2.92
CA ASP B 19 -15.45 20.31 -4.21
C ASP B 19 -16.50 19.22 -4.06
N GLN B 20 -17.32 19.08 -5.09
CA GLN B 20 -18.16 17.90 -5.28
C GLN B 20 -17.33 16.82 -5.99
N ALA B 21 -17.49 15.56 -5.56
CA ALA B 21 -16.89 14.43 -6.27
C ALA B 21 -17.97 13.44 -6.72
N SER B 22 -17.75 12.88 -7.91
CA SER B 22 -18.62 11.88 -8.53
CA SER B 22 -18.62 11.86 -8.50
C SER B 22 -17.78 10.70 -9.03
N ILE B 23 -18.16 9.48 -8.67
CA ILE B 23 -17.43 8.26 -9.03
C ILE B 23 -18.40 7.27 -9.59
N SER B 24 -17.95 6.55 -10.60
CA SER B 24 -18.79 5.67 -11.38
C SER B 24 -18.38 4.18 -11.20
N CYS B 25 -19.35 3.29 -11.35
CA CYS B 25 -19.14 1.85 -11.28
C CYS B 25 -20.12 1.23 -12.21
N THR B 26 -19.64 0.42 -13.14
CA THR B 26 -20.57 -0.29 -14.03
C THR B 26 -20.39 -1.80 -13.88
N SER B 27 -21.47 -2.53 -14.06
CA SER B 27 -21.50 -4.00 -13.88
C SER B 27 -21.67 -4.71 -15.21
N SER B 28 -20.95 -5.80 -15.41
CA SER B 28 -21.13 -6.66 -16.59
C SER B 28 -22.46 -7.44 -16.61
N GLN B 29 -23.21 -7.49 -15.49
CA GLN B 29 -24.56 -8.04 -15.43
C GLN B 29 -25.44 -7.18 -14.59
N SER B 30 -26.74 -7.39 -14.74
CA SER B 30 -27.71 -6.76 -13.90
C SER B 30 -27.50 -7.24 -12.46
N LEU B 31 -27.63 -6.32 -11.55
CA LEU B 31 -27.49 -6.61 -10.13
C LEU B 31 -28.84 -6.61 -9.41
N LEU B 32 -29.94 -6.60 -10.19
CA LEU B 32 -31.27 -6.74 -9.62
C LEU B 32 -31.50 -8.17 -9.18
N HIS B 33 -31.80 -8.33 -7.91
CA HIS B 33 -32.06 -9.62 -7.32
C HIS B 33 -33.56 -9.96 -7.57
N SER B 34 -33.90 -11.24 -7.49
CA SER B 34 -35.31 -11.68 -7.57
C SER B 34 -36.24 -11.07 -6.49
N ASN B 35 -35.65 -10.69 -5.35
CA ASN B 35 -36.38 -10.01 -4.25
C ASN B 35 -36.66 -8.52 -4.48
N GLY B 36 -36.23 -8.02 -5.63
CA GLY B 36 -36.42 -6.64 -6.02
C GLY B 36 -35.31 -5.70 -5.62
N ASP B 37 -34.35 -6.17 -4.82
CA ASP B 37 -33.29 -5.27 -4.38
C ASP B 37 -32.08 -5.35 -5.33
N THR B 38 -31.23 -4.33 -5.25
CA THR B 38 -30.02 -4.24 -6.07
C THR B 38 -28.85 -4.12 -5.09
N TYR B 39 -28.07 -5.19 -5.00
CA TYR B 39 -27.01 -5.34 -4.00
C TYR B 39 -25.66 -4.79 -4.53
N LEU B 40 -25.64 -3.49 -4.75
CA LEU B 40 -24.44 -2.77 -5.18
C LEU B 40 -24.10 -1.86 -4.01
N HIS B 41 -22.88 -1.96 -3.51
CA HIS B 41 -22.47 -1.33 -2.25
C HIS B 41 -21.21 -0.45 -2.50
N TRP B 42 -21.04 0.61 -1.72
CA TRP B 42 -19.86 1.46 -1.80
C TRP B 42 -19.11 1.51 -0.49
N TYR B 43 -17.79 1.39 -0.58
CA TYR B 43 -16.86 1.41 0.54
C TYR B 43 -15.80 2.47 0.37
N LEU B 44 -15.30 3.00 1.48
CA LEU B 44 -14.10 3.82 1.53
C LEU B 44 -13.02 3.12 2.35
N GLN B 45 -11.84 2.99 1.76
CA GLN B 45 -10.68 2.50 2.43
C GLN B 45 -9.61 3.57 2.53
N LYS B 46 -9.30 3.95 3.76
CA LYS B 46 -8.23 4.90 4.03
C LYS B 46 -6.95 4.08 4.15
N PRO B 47 -5.79 4.69 3.87
CA PRO B 47 -4.54 3.94 3.97
C PRO B 47 -4.32 3.27 5.32
N GLY B 48 -3.89 2.01 5.29
CA GLY B 48 -3.71 1.16 6.47
C GLY B 48 -4.93 0.81 7.31
N GLN B 49 -6.12 1.02 6.75
CA GLN B 49 -7.35 0.73 7.44
C GLN B 49 -8.16 -0.27 6.63
N SER B 50 -9.19 -0.81 7.25
CA SER B 50 -10.07 -1.74 6.56
C SER B 50 -11.12 -0.93 5.77
N PRO B 51 -11.66 -1.51 4.70
CA PRO B 51 -12.76 -0.88 3.99
C PRO B 51 -13.93 -0.58 4.94
N LYS B 52 -14.54 0.59 4.79
CA LYS B 52 -15.69 1.02 5.59
C LYS B 52 -16.87 1.21 4.67
N LEU B 53 -18.02 0.68 5.09
CA LEU B 53 -19.24 0.70 4.27
C LEU B 53 -19.92 2.05 4.34
N LEU B 54 -20.19 2.64 3.18
CA LEU B 54 -20.83 3.97 3.11
C LEU B 54 -22.26 3.86 2.66
N ILE B 55 -22.44 3.24 1.49
CA ILE B 55 -23.75 3.02 0.90
C ILE B 55 -23.92 1.51 0.66
N TYR B 56 -25.07 1.00 1.06
CA TYR B 56 -25.45 -0.38 0.73
C TYR B 56 -26.75 -0.40 -0.09
N THR B 57 -26.96 -1.51 -0.78
CA THR B 57 -28.01 -1.74 -1.76
C THR B 57 -28.36 -0.50 -2.60
N LEU B 58 -27.34 0.03 -3.26
CA LEU B 58 -27.46 1.10 -4.25
C LEU B 58 -27.46 2.51 -3.69
N SER B 59 -28.38 2.77 -2.77
CA SER B 59 -28.64 4.14 -2.27
C SER B 59 -28.89 4.28 -0.77
N ASN B 60 -28.81 3.20 0.00
CA ASN B 60 -29.11 3.27 1.42
C ASN B 60 -27.88 3.75 2.17
N ARG B 61 -28.00 4.94 2.73
CA ARG B 61 -26.95 5.55 3.52
C ARG B 61 -26.87 4.78 4.82
N PHE B 62 -25.68 4.28 5.08
CA PHE B 62 -25.47 3.43 6.21
C PHE B 62 -25.51 4.29 7.49
N SER B 63 -26.19 3.79 8.52
CA SER B 63 -26.45 4.59 9.73
C SER B 63 -25.18 5.17 10.32
N GLY B 64 -25.10 6.51 10.37
CA GLY B 64 -23.92 7.24 10.86
C GLY B 64 -22.92 7.71 9.79
N VAL B 65 -23.22 7.46 8.52
CA VAL B 65 -22.43 7.97 7.42
C VAL B 65 -22.95 9.36 7.10
N PRO B 66 -22.04 10.34 6.90
CA PRO B 66 -22.49 11.70 6.59
C PRO B 66 -23.47 11.78 5.42
N ASP B 67 -24.44 12.69 5.55
CA ASP B 67 -25.43 12.99 4.51
C ASP B 67 -24.84 13.38 3.17
N ARG B 68 -23.59 13.84 3.15
CA ARG B 68 -22.97 14.27 1.87
C ARG B 68 -22.61 13.12 0.92
N PHE B 69 -22.66 11.89 1.41
CA PHE B 69 -22.55 10.71 0.56
C PHE B 69 -23.92 10.27 0.07
N SER B 70 -24.05 10.12 -1.23
CA SER B 70 -25.29 9.65 -1.83
C SER B 70 -24.99 8.67 -2.98
N GLY B 71 -25.81 7.63 -3.07
CA GLY B 71 -25.67 6.61 -4.10
C GLY B 71 -26.84 6.62 -5.04
N SER B 72 -26.56 6.45 -6.34
CA SER B 72 -27.61 6.36 -7.34
C SER B 72 -27.25 5.36 -8.42
N GLY B 73 -28.23 5.08 -9.27
CA GLY B 73 -27.97 4.41 -10.54
C GLY B 73 -29.03 3.50 -11.06
N SER B 74 -28.79 3.07 -12.30
CA SER B 74 -29.76 2.32 -13.13
C SER B 74 -29.46 0.83 -13.34
N GLY B 75 -29.54 0.00 -12.29
CA GLY B 75 -29.44 -1.48 -12.48
C GLY B 75 -28.11 -2.08 -12.96
N THR B 76 -27.40 -1.35 -13.85
CA THR B 76 -26.00 -1.67 -14.30
C THR B 76 -24.98 -0.48 -14.29
N ASP B 77 -25.44 0.77 -14.26
CA ASP B 77 -24.57 1.96 -14.15
C ASP B 77 -24.86 2.67 -12.82
N PHE B 78 -23.83 2.86 -12.00
CA PHE B 78 -23.99 3.39 -10.63
C PHE B 78 -23.04 4.53 -10.35
N THR B 79 -23.41 5.37 -9.41
CA THR B 79 -22.67 6.55 -9.10
C THR B 79 -22.73 6.84 -7.62
N LEU B 80 -21.56 7.13 -7.07
CA LEU B 80 -21.41 7.67 -5.73
C LEU B 80 -21.10 9.18 -5.86
N LYS B 81 -21.85 10.01 -5.14
CA LYS B 81 -21.58 11.47 -5.08
C LYS B 81 -21.21 11.89 -3.68
N ILE B 82 -20.16 12.70 -3.58
CA ILE B 82 -19.73 13.32 -2.35
C ILE B 82 -19.92 14.84 -2.59
N SER B 83 -20.84 15.46 -1.86
CA SER B 83 -21.25 16.84 -2.14
C SER B 83 -20.21 17.90 -1.71
N ARG B 84 -19.54 17.69 -0.58
CA ARG B 84 -18.55 18.67 -0.05
C ARG B 84 -17.36 17.92 0.50
N VAL B 85 -16.37 17.65 -0.35
CA VAL B 85 -15.25 16.78 0.03
C VAL B 85 -14.43 17.35 1.18
N GLU B 86 -14.21 16.52 2.19
CA GLU B 86 -13.35 16.80 3.34
C GLU B 86 -12.14 15.86 3.35
N ALA B 87 -11.18 16.19 4.20
CA ALA B 87 -9.97 15.41 4.36
C ALA B 87 -10.24 13.97 4.85
N ALA B 88 -11.30 13.79 5.63
CA ALA B 88 -11.73 12.47 6.09
C ALA B 88 -12.22 11.56 4.97
N ASP B 89 -12.62 12.15 3.86
CA ASP B 89 -13.13 11.42 2.69
C ASP B 89 -12.05 10.89 1.74
N LEU B 90 -10.80 11.28 1.96
CA LEU B 90 -9.70 10.87 1.07
C LEU B 90 -9.31 9.41 1.27
N GLY B 91 -9.03 8.74 0.16
CA GLY B 91 -8.68 7.33 0.15
C GLY B 91 -9.16 6.64 -1.13
N ILE B 92 -9.35 5.31 -1.05
CA ILE B 92 -9.82 4.53 -2.19
C ILE B 92 -11.27 4.10 -1.97
N TYR B 93 -12.11 4.39 -2.95
CA TYR B 93 -13.50 4.01 -2.97
C TYR B 93 -13.65 2.74 -3.84
N PHE B 94 -14.36 1.76 -3.30
CA PHE B 94 -14.66 0.49 -3.98
C PHE B 94 -16.16 0.32 -4.09
N CYS B 95 -16.62 -0.16 -5.25
CA CYS B 95 -17.97 -0.72 -5.35
C CYS B 95 -17.85 -2.23 -5.21
N SER B 96 -18.90 -2.87 -4.75
CA SER B 96 -18.97 -4.34 -4.69
C SER B 96 -20.41 -4.75 -4.95
N GLN B 97 -20.59 -6.01 -5.38
CA GLN B 97 -21.90 -6.57 -5.60
C GLN B 97 -22.05 -7.90 -4.84
N THR B 98 -23.19 -8.08 -4.20
CA THR B 98 -23.52 -9.33 -3.52
C THR B 98 -24.85 -9.92 -4.04
N THR B 99 -25.25 -9.55 -5.25
CA THR B 99 -26.43 -10.12 -5.87
C THR B 99 -26.14 -11.56 -6.32
N HIS B 100 -25.00 -11.78 -6.93
CA HIS B 100 -24.65 -13.06 -7.55
C HIS B 100 -23.34 -13.61 -7.05
N VAL B 101 -23.36 -14.88 -6.62
CA VAL B 101 -22.19 -15.57 -6.19
C VAL B 101 -21.35 -15.90 -7.46
N PRO B 102 -20.03 -15.68 -7.47
CA PRO B 102 -19.26 -15.13 -6.38
C PRO B 102 -19.37 -13.60 -6.31
N TYR B 103 -19.45 -13.07 -5.10
CA TYR B 103 -19.46 -11.63 -4.90
C TYR B 103 -18.15 -11.05 -5.36
N THR B 104 -18.18 -9.82 -5.89
CA THR B 104 -17.01 -9.24 -6.54
C THR B 104 -16.93 -7.75 -6.20
N PHE B 105 -15.75 -7.23 -6.42
CA PHE B 105 -15.36 -5.87 -6.11
C PHE B 105 -14.86 -5.16 -7.37
N GLY B 106 -15.11 -3.85 -7.46
CA GLY B 106 -14.41 -3.02 -8.43
C GLY B 106 -12.96 -2.84 -8.06
N GLY B 107 -12.17 -2.27 -8.98
CA GLY B 107 -10.74 -2.07 -8.79
C GLY B 107 -10.33 -0.86 -7.96
N GLY B 108 -11.29 -0.04 -7.60
CA GLY B 108 -11.06 1.12 -6.74
C GLY B 108 -10.86 2.40 -7.54
N THR B 109 -11.30 3.51 -6.94
CA THR B 109 -11.03 4.87 -7.42
C THR B 109 -10.39 5.65 -6.27
N LYS B 110 -9.16 6.13 -6.48
CA LYS B 110 -8.46 6.97 -5.51
C LYS B 110 -8.98 8.41 -5.52
N LEU B 111 -9.51 8.88 -4.39
CA LEU B 111 -9.89 10.29 -4.26
C LEU B 111 -8.71 10.98 -3.58
N GLU B 112 -8.05 11.89 -4.31
CA GLU B 112 -6.85 12.58 -3.81
C GLU B 112 -6.95 14.12 -3.93
N ILE B 113 -6.06 14.82 -3.26
CA ILE B 113 -6.04 16.29 -3.30
C ILE B 113 -5.34 16.77 -4.57
N LYS B 114 -6.04 17.64 -5.29
CA LYS B 114 -5.51 18.33 -6.45
C LYS B 114 -4.65 19.52 -6.01
N ARG B 115 -3.56 19.72 -6.72
CA ARG B 115 -2.70 20.88 -6.55
C ARG B 115 -2.07 21.18 -7.89
N ALA B 116 -1.32 22.29 -7.95
CA ALA B 116 -0.62 22.67 -9.18
C ALA B 116 0.52 21.71 -9.42
N ASP B 117 0.83 21.53 -10.70
CA ASP B 117 1.99 20.77 -11.10
C ASP B 117 3.23 21.26 -10.35
N ALA B 118 4.00 20.30 -9.84
CA ALA B 118 5.27 20.56 -9.18
C ALA B 118 6.26 19.57 -9.77
N ALA B 119 7.30 20.09 -10.40
CA ALA B 119 8.37 19.29 -10.95
C ALA B 119 9.17 18.65 -9.80
N PRO B 120 9.60 17.38 -9.95
CA PRO B 120 10.36 16.76 -8.86
C PRO B 120 11.77 17.35 -8.74
N SER B 121 12.25 17.49 -7.52
CA SER B 121 13.68 17.72 -7.28
C SER B 121 14.35 16.36 -7.33
N VAL B 122 15.33 16.22 -8.20
CA VAL B 122 15.94 14.92 -8.47
C VAL B 122 17.36 14.86 -7.92
N PHE B 123 17.67 13.78 -7.20
CA PHE B 123 18.93 13.60 -6.53
C PHE B 123 19.41 12.17 -6.77
N ILE B 124 20.71 12.01 -6.96
CA ILE B 124 21.28 10.69 -7.17
C ILE B 124 22.36 10.41 -6.11
N PHE B 125 22.34 9.20 -5.57
CA PHE B 125 23.29 8.75 -4.54
C PHE B 125 24.05 7.53 -5.02
N PRO B 126 25.38 7.68 -5.15
CA PRO B 126 26.19 6.51 -5.46
C PRO B 126 26.14 5.53 -4.32
N PRO B 127 26.43 4.25 -4.57
CA PRO B 127 26.59 3.35 -3.43
C PRO B 127 27.71 3.78 -2.50
N SER B 128 27.55 3.52 -1.21
CA SER B 128 28.55 3.89 -0.22
C SER B 128 29.72 2.95 -0.29
N ASP B 129 30.89 3.42 0.12
CA ASP B 129 32.06 2.53 0.23
C ASP B 129 31.80 1.40 1.23
N GLU B 130 31.08 1.69 2.32
CA GLU B 130 30.66 0.67 3.31
C GLU B 130 29.93 -0.50 2.62
N GLN B 131 28.99 -0.18 1.74
CA GLN B 131 28.26 -1.24 1.04
C GLN B 131 29.17 -2.00 0.04
N LEU B 132 30.05 -1.28 -0.64
CA LEU B 132 30.92 -1.91 -1.64
C LEU B 132 31.83 -2.97 -0.98
N LYS B 133 32.42 -2.64 0.17
CA LYS B 133 33.13 -3.63 1.00
C LYS B 133 32.34 -4.92 1.14
N SER B 134 31.08 -4.78 1.52
CA SER B 134 30.16 -5.91 1.74
C SER B 134 29.90 -6.75 0.49
N GLY B 135 29.98 -6.12 -0.68
CA GLY B 135 29.90 -6.81 -1.99
C GLY B 135 28.77 -6.43 -2.95
N THR B 136 27.90 -5.49 -2.57
CA THR B 136 26.76 -5.05 -3.39
C THR B 136 26.88 -3.56 -3.66
N ALA B 137 26.24 -3.10 -4.72
CA ALA B 137 26.18 -1.70 -5.08
C ALA B 137 24.72 -1.31 -5.34
N SER B 138 24.16 -0.50 -4.45
CA SER B 138 22.86 0.15 -4.63
C SER B 138 23.05 1.60 -5.03
N VAL B 139 22.47 1.99 -6.15
CA VAL B 139 22.44 3.36 -6.59
C VAL B 139 21.02 3.82 -6.36
N VAL B 140 20.85 4.97 -5.70
CA VAL B 140 19.52 5.46 -5.36
C VAL B 140 19.25 6.75 -6.08
N CYS B 141 18.08 6.85 -6.72
CA CYS B 141 17.62 8.08 -7.29
C CYS B 141 16.35 8.54 -6.52
N LEU B 142 16.33 9.79 -6.07
CA LEU B 142 15.21 10.35 -5.30
C LEU B 142 14.51 11.41 -6.12
N LEU B 143 13.19 11.27 -6.25
CA LEU B 143 12.37 12.29 -6.86
C LEU B 143 11.55 12.86 -5.72
N ASN B 144 11.82 14.13 -5.38
CA ASN B 144 11.27 14.74 -4.20
C ASN B 144 10.17 15.77 -4.51
N ASN B 145 9.03 15.60 -3.83
CA ASN B 145 7.92 16.58 -3.79
C ASN B 145 7.35 17.01 -5.12
N PHE B 146 6.78 16.06 -5.86
CA PHE B 146 6.21 16.34 -7.18
C PHE B 146 4.70 16.06 -7.23
N TYR B 147 4.06 16.60 -8.28
CA TYR B 147 2.64 16.38 -8.57
C TYR B 147 2.41 16.65 -10.06
N PRO B 148 1.66 15.83 -10.80
CA PRO B 148 0.90 14.65 -10.29
C PRO B 148 1.76 13.42 -10.03
N ARG B 149 1.13 12.33 -9.56
CA ARG B 149 1.85 11.12 -9.18
C ARG B 149 2.67 10.54 -10.32
N GLU B 150 2.17 10.64 -11.55
CA GLU B 150 2.74 9.92 -12.68
C GLU B 150 4.17 10.40 -12.91
N ALA B 151 5.13 9.48 -12.87
CA ALA B 151 6.55 9.80 -13.12
C ALA B 151 7.24 8.59 -13.70
N LYS B 152 8.13 8.82 -14.68
CA LYS B 152 8.95 7.74 -15.25
C LYS B 152 10.43 7.92 -14.86
N VAL B 153 11.00 6.92 -14.21
CA VAL B 153 12.44 6.82 -13.93
C VAL B 153 13.08 5.81 -14.87
N GLN B 154 14.16 6.22 -15.53
CA GLN B 154 14.94 5.33 -16.39
C GLN B 154 16.41 5.36 -16.01
N TRP B 155 16.95 4.20 -15.66
CA TRP B 155 18.36 4.07 -15.28
C TRP B 155 19.18 3.73 -16.51
N LYS B 156 20.34 4.38 -16.65
CA LYS B 156 21.31 4.12 -17.73
C LYS B 156 22.70 3.94 -17.11
N VAL B 157 23.41 2.88 -17.51
CA VAL B 157 24.78 2.58 -17.04
C VAL B 157 25.66 2.53 -18.28
N ASP B 158 26.45 3.59 -18.49
CA ASP B 158 27.24 3.80 -19.71
C ASP B 158 26.33 3.72 -20.94
N ASN B 159 25.22 4.43 -20.86
CA ASN B 159 24.12 4.40 -21.87
C ASN B 159 23.39 3.08 -22.11
N ALA B 160 23.73 2.03 -21.39
CA ALA B 160 22.93 0.80 -21.38
C ALA B 160 21.65 1.01 -20.54
N LEU B 161 20.50 1.00 -21.21
CA LEU B 161 19.21 1.06 -20.53
C LEU B 161 19.04 -0.16 -19.64
N GLN B 162 18.87 0.10 -18.34
CA GLN B 162 18.70 -0.93 -17.34
C GLN B 162 17.24 -1.33 -17.26
N SER B 163 16.98 -2.63 -17.24
CA SER B 163 15.61 -3.15 -17.24
C SER B 163 15.48 -4.41 -16.38
N GLY B 164 14.60 -4.34 -15.37
CA GLY B 164 14.36 -5.50 -14.48
C GLY B 164 15.22 -5.55 -13.22
N ASN B 165 16.20 -4.66 -13.11
CA ASN B 165 17.15 -4.65 -11.98
C ASN B 165 17.04 -3.38 -11.09
N SER B 166 15.85 -2.79 -11.08
CA SER B 166 15.55 -1.68 -10.18
C SER B 166 14.18 -1.85 -9.58
N GLN B 167 13.98 -1.23 -8.42
CA GLN B 167 12.69 -1.24 -7.74
C GLN B 167 12.41 0.19 -7.27
N GLU B 168 11.12 0.55 -7.33
CA GLU B 168 10.62 1.88 -6.94
C GLU B 168 9.68 1.77 -5.77
N SER B 169 9.60 2.85 -5.02
CA SER B 169 8.69 2.99 -3.90
C SER B 169 8.23 4.47 -3.87
N VAL B 170 6.95 4.70 -3.52
CA VAL B 170 6.34 6.05 -3.53
C VAL B 170 5.64 6.28 -2.19
N THR B 171 5.73 7.52 -1.69
CA THR B 171 5.03 7.91 -0.45
C THR B 171 3.56 8.21 -0.76
N GLU B 172 2.76 8.20 0.28
CA GLU B 172 1.42 8.76 0.18
C GLU B 172 1.53 10.26 0.05
N GLN B 173 0.48 10.84 -0.53
CA GLN B 173 0.36 12.27 -0.71
C GLN B 173 0.64 13.02 0.59
N ASP B 174 1.44 14.08 0.50
CA ASP B 174 1.88 14.82 1.69
C ASP B 174 0.71 15.60 2.31
N SER B 175 0.60 15.53 3.64
CA SER B 175 -0.47 16.19 4.42
C SER B 175 -0.57 17.69 4.20
N LYS B 176 0.59 18.33 4.09
CA LYS B 176 0.65 19.77 3.90
C LYS B 176 0.65 20.22 2.46
N ASP B 177 1.61 19.74 1.67
CA ASP B 177 1.79 20.24 0.31
C ASP B 177 1.20 19.37 -0.79
N SER B 178 0.62 18.22 -0.44
CA SER B 178 -0.10 17.39 -1.40
C SER B 178 0.78 16.80 -2.50
N THR B 179 2.08 16.74 -2.26
CA THR B 179 3.02 16.14 -3.21
C THR B 179 3.30 14.68 -2.88
N TYR B 180 3.92 14.04 -3.87
CA TYR B 180 4.46 12.69 -3.77
C TYR B 180 5.99 12.77 -3.82
N SER B 181 6.64 11.81 -3.22
CA SER B 181 8.05 11.54 -3.41
C SER B 181 8.21 10.07 -3.78
N LEU B 182 9.32 9.76 -4.46
CA LEU B 182 9.62 8.45 -5.03
C LEU B 182 11.13 8.16 -4.90
N SER B 183 11.47 6.97 -4.40
CA SER B 183 12.83 6.46 -4.43
C SER B 183 12.91 5.28 -5.39
N SER B 184 14.00 5.23 -6.18
CA SER B 184 14.30 4.13 -7.08
C SER B 184 15.73 3.65 -6.83
N THR B 185 15.87 2.35 -6.57
CA THR B 185 17.15 1.71 -6.30
C THR B 185 17.55 0.82 -7.47
N LEU B 186 18.76 1.02 -7.97
CA LEU B 186 19.32 0.17 -9.01
C LEU B 186 20.32 -0.73 -8.30
N THR B 187 20.11 -2.04 -8.37
CA THR B 187 21.03 -3.00 -7.75
C THR B 187 21.98 -3.63 -8.77
N LEU B 188 23.29 -3.52 -8.50
CA LEU B 188 24.36 -4.22 -9.26
C LEU B 188 25.30 -5.00 -8.31
N SER B 189 26.09 -5.91 -8.86
CA SER B 189 27.23 -6.48 -8.12
C SER B 189 28.30 -5.43 -8.00
N LYS B 190 29.12 -5.54 -6.96
CA LYS B 190 30.33 -4.71 -6.89
C LYS B 190 31.19 -4.82 -8.17
N ALA B 191 31.33 -6.04 -8.67
CA ALA B 191 32.15 -6.30 -9.85
C ALA B 191 31.66 -5.47 -11.03
N ASP B 192 30.37 -5.62 -11.33
CA ASP B 192 29.71 -4.87 -12.42
C ASP B 192 29.75 -3.39 -12.20
N TYR B 193 29.53 -2.95 -10.96
CA TYR B 193 29.56 -1.53 -10.65
C TYR B 193 30.97 -0.92 -10.97
N GLU B 194 32.00 -1.67 -10.58
CA GLU B 194 33.39 -1.29 -10.90
C GLU B 194 33.76 -1.31 -12.38
N LYS B 195 33.02 -2.06 -13.20
CA LYS B 195 33.24 -2.08 -14.67
C LYS B 195 32.77 -0.84 -15.44
N HIS B 196 31.94 0.00 -14.83
CA HIS B 196 31.32 1.11 -15.57
C HIS B 196 31.62 2.45 -14.94
N LYS B 197 31.37 3.51 -15.70
CA LYS B 197 31.69 4.87 -15.30
C LYS B 197 30.43 5.72 -15.05
N VAL B 198 29.60 5.91 -16.07
CA VAL B 198 28.46 6.87 -15.99
C VAL B 198 27.17 6.21 -15.50
N TYR B 199 26.74 6.57 -14.29
CA TYR B 199 25.41 6.16 -13.78
C TYR B 199 24.44 7.31 -13.88
N ALA B 200 23.37 7.13 -14.66
CA ALA B 200 22.40 8.18 -14.95
C ALA B 200 20.98 7.73 -14.60
N CYS B 201 20.27 8.63 -13.92
CA CYS B 201 18.86 8.49 -13.59
C CYS B 201 18.12 9.54 -14.42
N GLU B 202 17.32 9.10 -15.39
CA GLU B 202 16.53 10.04 -16.19
C GLU B 202 15.07 10.02 -15.75
N VAL B 203 14.52 11.21 -15.55
CA VAL B 203 13.23 11.39 -14.93
C VAL B 203 12.35 12.11 -15.93
N THR B 204 11.21 11.50 -16.23
CA THR B 204 10.18 12.12 -17.08
C THR B 204 8.98 12.47 -16.20
N HIS B 205 8.57 13.73 -16.24
CA HIS B 205 7.46 14.21 -15.45
C HIS B 205 6.75 15.37 -16.14
N GLN B 206 5.42 15.37 -16.06
CA GLN B 206 4.52 16.40 -16.60
C GLN B 206 4.94 17.83 -16.27
N GLY B 207 5.38 18.03 -15.04
CA GLY B 207 5.94 19.29 -14.55
C GLY B 207 7.27 19.80 -15.09
N LEU B 208 8.03 18.95 -15.78
CA LEU B 208 9.33 19.33 -16.39
C LEU B 208 9.20 19.74 -17.86
N SER B 209 10.08 20.63 -18.32
CA SER B 209 10.19 21.02 -19.74
C SER B 209 10.40 19.81 -20.64
N SER B 210 11.44 19.05 -20.32
CA SER B 210 11.75 17.80 -20.98
C SER B 210 12.42 16.93 -19.93
N PRO B 211 12.66 15.64 -20.22
CA PRO B 211 13.17 14.80 -19.13
C PRO B 211 14.49 15.28 -18.56
N VAL B 212 14.63 15.29 -17.24
CA VAL B 212 15.91 15.65 -16.61
C VAL B 212 16.72 14.41 -16.30
N THR B 213 18.04 14.55 -16.40
CA THR B 213 18.99 13.49 -16.07
C THR B 213 19.89 13.99 -14.96
N LYS B 214 20.12 13.12 -14.00
CA LYS B 214 21.10 13.32 -12.96
C LYS B 214 22.03 12.13 -13.04
N SER B 215 23.33 12.42 -13.16
CA SER B 215 24.35 11.38 -13.24
C SER B 215 25.53 11.68 -12.35
N PHE B 216 26.33 10.65 -12.14
CA PHE B 216 27.68 10.78 -11.63
C PHE B 216 28.58 9.82 -12.38
N ASN B 217 29.85 10.16 -12.48
CA ASN B 217 30.89 9.23 -12.95
C ASN B 217 31.69 8.74 -11.76
N ARG B 218 31.87 7.44 -11.60
CA ARG B 218 32.74 6.95 -10.51
C ARG B 218 34.23 7.06 -10.87
C1 GOL C . -18.96 -7.93 0.04
O1 GOL C . -19.22 -6.49 0.03
C2 GOL C . -19.25 -8.71 1.35
O2 GOL C . -18.00 -8.90 2.01
C3 GOL C . -20.17 -8.03 2.38
O3 GOL C . -21.18 -8.88 2.98
#